data_6IJE
#
_entry.id   6IJE
#
_cell.length_a   53.921
_cell.length_b   57.756
_cell.length_c   71.465
_cell.angle_alpha   90.000
_cell.angle_beta   90.000
_cell.angle_gamma   90.000
#
_symmetry.space_group_name_H-M   'P 21 21 21'
#
loop_
_entity.id
_entity.type
_entity.pdbx_description
1 polymer Tai4
2 non-polymer 1,2-ETHANEDIOL
3 water water
#
_entity_poly.entity_id   1
_entity_poly.type   'polypeptide(L)'
_entity_poly.pdbx_seq_one_letter_code
;GPGHMAERTWIFSGAELKQAIEGKLAPDVSDPEMRRLVSVAKSSAYIAGVADLTSGSDWCGAGAVAPHELTDRIYTYLGD
MPAEKLDEQAATLVREALKVSFPCEQKSN
;
_entity_poly.pdbx_strand_id   B,A
#
# COMPACT_ATOMS: atom_id res chain seq x y z
N ALA A 6 -14.55 17.84 2.98
CA ALA A 6 -13.43 17.55 3.95
C ALA A 6 -12.09 17.83 3.27
N GLU A 7 -11.13 18.40 3.99
CA GLU A 7 -9.77 18.63 3.49
C GLU A 7 -9.06 17.27 3.32
N ARG A 8 -9.33 16.33 4.22
CA ARG A 8 -8.62 15.02 4.10
C ARG A 8 -9.13 14.30 2.83
N THR A 9 -8.20 13.81 2.00
CA THR A 9 -8.51 13.00 0.81
C THR A 9 -7.81 11.65 0.88
N TRP A 10 -6.90 11.48 1.84
CA TRP A 10 -6.07 10.26 1.89
C TRP A 10 -6.80 9.10 2.49
N ILE A 11 -6.48 7.89 2.03
CA ILE A 11 -7.14 6.64 2.46
C ILE A 11 -6.63 6.24 3.84
N PHE A 12 -5.31 6.34 4.10
CA PHE A 12 -4.77 6.10 5.44
C PHE A 12 -4.10 7.37 5.94
N SER A 13 -4.46 7.80 7.15
CA SER A 13 -3.61 8.72 7.92
C SER A 13 -2.47 7.97 8.58
N GLY A 14 -1.47 8.70 9.04
CA GLY A 14 -0.41 8.12 9.85
C GLY A 14 -0.95 7.44 11.10
N ALA A 15 -1.94 8.03 11.76
CA ALA A 15 -2.51 7.45 12.99
C ALA A 15 -3.17 6.10 12.68
N GLU A 16 -3.85 6.02 11.53
CA GLU A 16 -4.50 4.76 11.13
C GLU A 16 -3.46 3.71 10.76
N LEU A 17 -2.38 4.10 10.08
CA LEU A 17 -1.32 3.11 9.79
C LEU A 17 -0.69 2.58 11.06
N LYS A 18 -0.46 3.45 12.05
CA LYS A 18 0.12 3.04 13.35
C LYS A 18 -0.84 2.05 14.03
N GLN A 19 -2.15 2.36 14.01
CA GLN A 19 -3.15 1.43 14.57
C GLN A 19 -3.15 0.09 13.81
N ALA A 20 -3.02 0.13 12.49
CA ALA A 20 -2.97 -1.12 11.69
C ALA A 20 -1.79 -1.98 12.13
N ILE A 21 -0.61 -1.39 12.30
CA ILE A 21 0.59 -2.13 12.74
C ILE A 21 0.35 -2.77 14.10
N GLU A 22 -0.39 -2.08 14.94
CA GLU A 22 -0.75 -2.59 16.30
C GLU A 22 -1.88 -3.61 16.24
N GLY A 23 -2.41 -3.95 15.07
CA GLY A 23 -3.43 -4.97 14.93
C GLY A 23 -4.82 -4.42 15.15
N LYS A 24 -5.04 -3.12 15.06
CA LYS A 24 -6.34 -2.51 15.41
C LYS A 24 -6.86 -1.58 14.30
N LEU A 25 -6.97 -2.07 13.06
CA LEU A 25 -7.61 -1.31 11.97
C LEU A 25 -8.40 -2.27 11.09
N ALA A 26 -9.37 -2.92 11.67
CA ALA A 26 -10.32 -3.74 10.85
C ALA A 26 -11.62 -3.84 11.63
N PRO A 27 -12.31 -2.70 11.84
CA PRO A 27 -13.44 -2.66 12.79
C PRO A 27 -14.66 -3.52 12.40
N ASP A 28 -14.81 -3.86 11.12
CA ASP A 28 -15.98 -4.67 10.68
CA ASP A 28 -15.98 -4.68 10.69
C ASP A 28 -15.57 -6.16 10.66
N VAL A 29 -14.48 -6.52 11.32
CA VAL A 29 -14.04 -7.94 11.50
C VAL A 29 -14.27 -8.30 12.96
N SER A 30 -15.09 -9.31 13.24
CA SER A 30 -15.50 -9.61 14.64
C SER A 30 -14.53 -10.59 15.30
N ASP A 31 -14.02 -11.63 14.62
CA ASP A 31 -13.09 -12.57 15.30
C ASP A 31 -11.82 -11.80 15.64
N PRO A 32 -11.44 -11.73 16.94
CA PRO A 32 -10.25 -10.99 17.35
C PRO A 32 -8.94 -11.32 16.62
N GLU A 33 -8.60 -12.60 16.48
CA GLU A 33 -7.34 -13.02 15.82
C GLU A 33 -7.40 -12.57 14.35
N MET A 34 -8.57 -12.70 13.73
CA MET A 34 -8.77 -12.32 12.31
C MET A 34 -8.64 -10.79 12.19
N ARG A 35 -9.13 -10.04 13.16
CA ARG A 35 -9.02 -8.56 13.12
C ARG A 35 -7.55 -8.20 13.08
N ARG A 36 -6.75 -8.87 13.91
CA ARG A 36 -5.30 -8.60 14.03
C ARG A 36 -4.64 -8.96 12.69
N LEU A 37 -4.97 -10.14 12.17
N LEU A 37 -4.97 -10.14 12.17
CA LEU A 37 -4.37 -10.62 10.89
CA LEU A 37 -4.37 -10.62 10.89
C LEU A 37 -4.70 -9.63 9.76
C LEU A 37 -4.70 -9.63 9.76
N VAL A 38 -5.95 -9.21 9.62
CA VAL A 38 -6.36 -8.28 8.54
C VAL A 38 -5.65 -6.94 8.76
N SER A 39 -5.63 -6.47 9.99
CA SER A 39 -5.01 -5.15 10.32
C SER A 39 -3.55 -5.13 9.90
N VAL A 40 -2.76 -6.10 10.32
CA VAL A 40 -1.30 -6.10 9.99
C VAL A 40 -1.14 -6.39 8.50
N ALA A 41 -2.05 -7.14 7.87
CA ALA A 41 -1.98 -7.35 6.40
C ALA A 41 -2.11 -5.97 5.70
N LYS A 42 -2.99 -5.12 6.20
CA LYS A 42 -3.18 -3.77 5.63
C LYS A 42 -1.90 -2.96 5.85
N SER A 43 -1.34 -2.98 7.06
CA SER A 43 -0.17 -2.13 7.30
C SER A 43 1.00 -2.60 6.42
N SER A 44 1.21 -3.89 6.36
CA SER A 44 2.35 -4.44 5.58
CA SER A 44 2.36 -4.43 5.58
C SER A 44 2.17 -4.06 4.11
N ALA A 45 0.95 -4.17 3.61
CA ALA A 45 0.71 -3.94 2.17
C ALA A 45 0.79 -2.43 1.84
N TYR A 46 0.30 -1.57 2.73
CA TYR A 46 0.37 -0.10 2.51
C TYR A 46 1.85 0.28 2.43
N ILE A 47 2.63 -0.16 3.43
CA ILE A 47 4.08 0.13 3.47
C ILE A 47 4.74 -0.42 2.19
N ALA A 48 4.37 -1.61 1.78
CA ALA A 48 4.94 -2.25 0.57
C ALA A 48 4.68 -1.38 -0.66
N GLY A 49 3.48 -0.83 -0.79
CA GLY A 49 3.18 0.05 -1.93
C GLY A 49 4.15 1.20 -2.02
N VAL A 50 4.34 1.88 -0.90
CA VAL A 50 5.25 3.03 -0.84
C VAL A 50 6.69 2.54 -1.04
N ALA A 51 7.08 1.48 -0.36
CA ALA A 51 8.47 0.99 -0.42
C ALA A 51 8.81 0.58 -1.87
N ASP A 52 7.95 -0.19 -2.50
CA ASP A 52 8.19 -0.67 -3.87
C ASP A 52 8.29 0.54 -4.79
N LEU A 53 7.40 1.51 -4.68
CA LEU A 53 7.40 2.63 -5.64
C LEU A 53 8.69 3.44 -5.55
N THR A 54 9.19 3.65 -4.34
CA THR A 54 10.28 4.60 -4.04
C THR A 54 11.63 3.90 -3.98
N SER A 55 11.68 2.59 -4.10
CA SER A 55 12.91 1.77 -4.02
C SER A 55 13.94 2.28 -5.04
N GLY A 56 15.16 2.55 -4.57
CA GLY A 56 16.24 2.98 -5.48
C GLY A 56 16.22 4.47 -5.74
N SER A 57 15.22 5.19 -5.27
CA SER A 57 15.14 6.66 -5.43
C SER A 57 15.16 7.32 -4.06
N ASP A 58 14.18 7.07 -3.22
CA ASP A 58 14.12 7.71 -1.88
C ASP A 58 14.81 6.87 -0.83
N TRP A 59 14.85 5.57 -0.99
CA TRP A 59 15.52 4.65 -0.07
C TRP A 59 16.18 3.55 -0.87
N CYS A 60 17.18 2.90 -0.29
CA CYS A 60 17.99 1.90 -1.00
C CYS A 60 18.19 0.71 -0.08
N GLY A 61 18.41 -0.45 -0.65
CA GLY A 61 18.75 -1.68 0.06
C GLY A 61 17.65 -2.71 0.00
N ALA A 62 16.64 -2.54 -0.88
CA ALA A 62 15.51 -3.48 -0.96
C ALA A 62 16.00 -4.94 -1.01
N GLY A 63 17.07 -5.23 -1.75
CA GLY A 63 17.51 -6.63 -1.83
C GLY A 63 18.00 -7.22 -0.51
N ALA A 64 18.39 -6.41 0.47
CA ALA A 64 19.11 -6.88 1.67
C ALA A 64 18.31 -6.67 2.95
N VAL A 65 17.22 -5.90 2.90
CA VAL A 65 16.44 -5.49 4.09
C VAL A 65 15.19 -6.37 4.06
N ALA A 66 14.85 -6.98 5.18
CA ALA A 66 13.68 -7.87 5.30
C ALA A 66 12.45 -6.98 5.45
N PRO A 67 11.27 -7.41 4.95
CA PRO A 67 10.03 -6.66 5.17
C PRO A 67 9.79 -6.26 6.63
N HIS A 68 10.03 -7.14 7.59
CA HIS A 68 9.71 -6.84 9.02
C HIS A 68 10.55 -5.63 9.47
N GLU A 69 11.76 -5.46 8.93
CA GLU A 69 12.66 -4.33 9.28
C GLU A 69 12.00 -3.03 8.80
N LEU A 70 11.34 -3.03 7.64
CA LEU A 70 10.66 -1.82 7.17
C LEU A 70 9.55 -1.45 8.18
N THR A 71 8.73 -2.41 8.57
CA THR A 71 7.64 -2.14 9.52
C THR A 71 8.23 -1.59 10.83
N ASP A 72 9.31 -2.20 11.29
CA ASP A 72 9.90 -1.76 12.58
C ASP A 72 10.36 -0.29 12.48
N ARG A 73 11.02 0.09 11.38
CA ARG A 73 11.51 1.47 11.26
C ARG A 73 10.33 2.42 11.17
N ILE A 74 9.30 2.07 10.39
CA ILE A 74 8.11 2.94 10.18
CA ILE A 74 8.11 2.94 10.18
C ILE A 74 7.41 3.10 11.54
N TYR A 75 7.27 2.02 12.29
CA TYR A 75 6.54 2.10 13.57
C TYR A 75 7.29 3.05 14.52
N THR A 76 8.60 2.90 14.58
CA THR A 76 9.44 3.81 15.41
C THR A 76 9.21 5.25 14.97
N TYR A 77 9.28 5.50 13.67
CA TYR A 77 9.10 6.84 13.11
C TYR A 77 7.72 7.38 13.46
N LEU A 78 6.65 6.60 13.25
CA LEU A 78 5.30 7.12 13.56
C LEU A 78 5.18 7.44 15.06
N GLY A 79 5.85 6.69 15.88
CA GLY A 79 5.90 6.91 17.34
C GLY A 79 6.58 8.22 17.66
N ASP A 80 7.40 8.76 16.75
CA ASP A 80 8.12 10.05 16.90
C ASP A 80 7.23 11.25 16.51
N MET A 81 6.05 11.03 15.93
CA MET A 81 5.30 12.13 15.31
C MET A 81 4.25 12.69 16.26
N PRO A 82 4.01 14.00 16.30
CA PRO A 82 2.88 14.50 17.07
C PRO A 82 1.57 14.19 16.38
N ALA A 83 0.50 14.31 17.13
CA ALA A 83 -0.88 13.93 16.71
C ALA A 83 -1.25 14.67 15.44
N GLU A 84 -0.96 15.96 15.31
CA GLU A 84 -1.40 16.73 14.13
C GLU A 84 -0.74 16.17 12.86
N LYS A 85 0.56 15.84 12.93
CA LYS A 85 1.28 15.24 11.80
C LYS A 85 0.70 13.83 11.50
N LEU A 86 0.33 13.06 12.51
CA LEU A 86 -0.21 11.68 12.28
C LEU A 86 -1.59 11.78 11.62
N ASP A 87 -2.26 12.93 11.67
CA ASP A 87 -3.54 13.08 10.94
C ASP A 87 -3.33 13.26 9.43
N GLU A 88 -2.12 13.56 8.99
CA GLU A 88 -1.79 13.70 7.56
C GLU A 88 -1.68 12.30 6.92
N GLN A 89 -1.53 12.31 5.61
CA GLN A 89 -1.42 11.03 4.85
C GLN A 89 -0.30 10.18 5.42
N ALA A 90 -0.56 8.88 5.52
CA ALA A 90 0.46 7.92 6.02
C ALA A 90 1.61 7.78 5.00
N ALA A 91 1.33 7.80 3.69
CA ALA A 91 2.37 7.36 2.71
C ALA A 91 3.59 8.26 2.76
N THR A 92 3.41 9.57 2.87
CA THR A 92 4.59 10.47 2.92
CA THR A 92 4.56 10.50 2.94
C THR A 92 5.38 10.20 4.19
N LEU A 93 4.72 9.84 5.29
CA LEU A 93 5.45 9.48 6.54
C LEU A 93 6.25 8.21 6.31
N VAL A 94 5.70 7.22 5.61
CA VAL A 94 6.44 5.98 5.29
C VAL A 94 7.66 6.35 4.47
N ARG A 95 7.49 7.19 3.46
CA ARG A 95 8.64 7.60 2.60
C ARG A 95 9.72 8.26 3.48
N GLU A 96 9.30 9.15 4.37
CA GLU A 96 10.27 9.84 5.27
C GLU A 96 10.98 8.83 6.14
N ALA A 97 10.26 7.85 6.69
CA ALA A 97 10.88 6.84 7.55
C ALA A 97 11.91 6.06 6.75
N LEU A 98 11.54 5.65 5.54
CA LEU A 98 12.45 4.83 4.72
C LEU A 98 13.68 5.64 4.36
N LYS A 99 13.50 6.92 4.07
CA LYS A 99 14.62 7.75 3.58
C LYS A 99 15.65 7.93 4.70
N VAL A 100 15.18 8.19 5.94
CA VAL A 100 16.14 8.40 7.06
C VAL A 100 16.74 7.07 7.48
N SER A 101 16.01 5.98 7.38
CA SER A 101 16.46 4.65 7.83
C SER A 101 17.43 4.03 6.84
N PHE A 102 17.15 4.14 5.54
CA PHE A 102 17.82 3.37 4.46
C PHE A 102 18.17 4.31 3.33
N PRO A 103 18.95 5.36 3.56
CA PRO A 103 19.23 6.36 2.54
C PRO A 103 19.98 5.77 1.34
N CYS A 104 19.74 6.37 0.21
CA CYS A 104 20.53 6.10 -1.03
C CYS A 104 21.80 6.96 -1.02
N GLU A 105 22.83 6.53 -1.76
CA GLU A 105 23.99 7.37 -2.24
C GLU A 105 24.09 8.70 -1.49
N GLU B 7 17.37 -10.37 -9.19
CA GLU B 7 17.28 -8.94 -9.41
C GLU B 7 15.86 -8.45 -9.02
N ARG B 8 14.85 -9.32 -8.85
CA ARG B 8 13.58 -8.88 -8.17
C ARG B 8 13.90 -8.48 -6.72
N THR B 9 13.50 -7.27 -6.30
CA THR B 9 13.62 -6.83 -4.90
C THR B 9 12.26 -6.35 -4.38
N TRP B 10 11.26 -6.28 -5.24
CA TRP B 10 9.96 -5.69 -4.86
C TRP B 10 9.10 -6.70 -4.09
N ILE B 11 8.29 -6.18 -3.18
CA ILE B 11 7.42 -6.98 -2.30
C ILE B 11 6.23 -7.54 -3.08
N PHE B 12 5.58 -6.71 -3.92
CA PHE B 12 4.52 -7.19 -4.81
C PHE B 12 4.93 -6.97 -6.25
N SER B 13 4.83 -8.01 -7.07
CA SER B 13 4.78 -7.84 -8.52
C SER B 13 3.37 -7.43 -8.96
N GLY B 14 3.25 -6.96 -10.18
CA GLY B 14 1.93 -6.71 -10.78
C GLY B 14 1.06 -7.95 -10.78
N ALA B 15 1.64 -9.12 -11.10
CA ALA B 15 0.87 -10.37 -11.14
C ALA B 15 0.30 -10.69 -9.76
N GLU B 16 1.10 -10.46 -8.71
CA GLU B 16 0.66 -10.72 -7.33
C GLU B 16 -0.42 -9.73 -6.91
N LEU B 17 -0.30 -8.46 -7.30
CA LEU B 17 -1.37 -7.50 -6.96
C LEU B 17 -2.68 -7.89 -7.64
N LYS B 18 -2.60 -8.33 -8.90
CA LYS B 18 -3.80 -8.78 -9.64
C LYS B 18 -4.43 -9.99 -8.93
N GLN B 19 -3.59 -10.94 -8.50
CA GLN B 19 -4.07 -12.10 -7.71
C GLN B 19 -4.69 -11.65 -6.40
N ALA B 20 -4.11 -10.67 -5.72
CA ALA B 20 -4.67 -10.16 -4.45
C ALA B 20 -6.07 -9.62 -4.68
N ILE B 21 -6.28 -8.83 -5.74
CA ILE B 21 -7.60 -8.27 -6.07
C ILE B 21 -8.61 -9.41 -6.30
N GLU B 22 -8.14 -10.48 -6.91
CA GLU B 22 -8.97 -11.66 -7.21
C GLU B 22 -9.16 -12.55 -5.98
N GLY B 23 -8.59 -12.19 -4.83
CA GLY B 23 -8.78 -12.99 -3.61
C GLY B 23 -7.84 -14.18 -3.50
N LYS B 24 -6.77 -14.20 -4.26
CA LYS B 24 -5.85 -15.36 -4.35
C LYS B 24 -4.53 -15.13 -3.66
N LEU B 25 -4.32 -14.03 -2.92
CA LEU B 25 -2.97 -13.74 -2.37
C LEU B 25 -2.99 -13.78 -0.84
N ALA B 26 -3.64 -14.75 -0.26
CA ALA B 26 -3.45 -15.00 1.19
C ALA B 26 -2.94 -16.42 1.34
N PRO B 27 -1.72 -16.70 0.86
CA PRO B 27 -1.17 -18.05 0.88
C PRO B 27 -0.88 -18.60 2.30
N ASP B 28 -0.57 -17.74 3.25
CA ASP B 28 -0.23 -18.20 4.63
C ASP B 28 -1.51 -18.19 5.50
N VAL B 29 -2.70 -18.12 4.87
CA VAL B 29 -4.01 -18.17 5.59
C VAL B 29 -4.65 -19.51 5.26
N SER B 30 -4.93 -20.34 6.26
CA SER B 30 -5.45 -21.71 5.99
C SER B 30 -6.98 -21.70 5.92
N ASP B 31 -7.60 -20.76 6.63
CA ASP B 31 -9.06 -20.48 6.63
C ASP B 31 -9.49 -20.25 5.17
N PRO B 32 -10.62 -20.87 4.75
CA PRO B 32 -11.26 -20.55 3.47
C PRO B 32 -12.37 -19.50 3.70
N GLU B 33 -12.79 -18.81 2.65
CA GLU B 33 -13.79 -17.72 2.77
C GLU B 33 -13.36 -16.76 3.89
N MET B 34 -12.08 -16.73 4.27
CA MET B 34 -11.43 -15.55 4.90
C MET B 34 -10.03 -15.38 4.29
N ARG B 35 -9.64 -16.26 3.36
CA ARG B 35 -8.51 -15.95 2.45
C ARG B 35 -8.86 -14.66 1.69
N ARG B 36 -10.12 -14.57 1.24
CA ARG B 36 -10.62 -13.53 0.33
C ARG B 36 -10.49 -12.19 1.04
N LEU B 37 -10.95 -12.11 2.28
CA LEU B 37 -10.90 -10.85 3.05
C LEU B 37 -9.46 -10.36 3.20
N VAL B 38 -8.53 -11.22 3.58
CA VAL B 38 -7.12 -10.82 3.81
C VAL B 38 -6.53 -10.41 2.45
N SER B 39 -6.81 -11.20 1.41
CA SER B 39 -6.23 -10.99 0.08
C SER B 39 -6.63 -9.60 -0.43
N VAL B 40 -7.93 -9.29 -0.41
CA VAL B 40 -8.38 -7.99 -0.97
C VAL B 40 -7.95 -6.87 -0.01
N ALA B 41 -7.81 -7.12 1.28
CA ALA B 41 -7.26 -6.09 2.22
C ALA B 41 -5.86 -5.74 1.79
N LYS B 42 -5.05 -6.71 1.34
CA LYS B 42 -3.68 -6.42 0.87
C LYS B 42 -3.76 -5.57 -0.41
N SER B 43 -4.63 -5.94 -1.35
CA SER B 43 -4.63 -5.19 -2.61
C SER B 43 -5.09 -3.77 -2.35
N SER B 44 -6.14 -3.61 -1.55
CA SER B 44 -6.69 -2.26 -1.27
C SER B 44 -5.62 -1.40 -0.60
N ALA B 45 -4.90 -1.99 0.35
CA ALA B 45 -3.92 -1.20 1.13
C ALA B 45 -2.68 -0.87 0.28
N TYR B 46 -2.24 -1.80 -0.57
CA TYR B 46 -1.07 -1.56 -1.45
C TYR B 46 -1.43 -0.39 -2.37
N ILE B 47 -2.59 -0.47 -3.02
CA ILE B 47 -3.05 0.58 -3.94
C ILE B 47 -3.14 1.91 -3.17
N ALA B 48 -3.68 1.87 -1.95
CA ALA B 48 -3.83 3.09 -1.12
C ALA B 48 -2.46 3.72 -0.87
N GLY B 49 -1.45 2.93 -0.57
CA GLY B 49 -0.11 3.49 -0.35
C GLY B 49 0.37 4.29 -1.53
N VAL B 50 0.26 3.71 -2.71
CA VAL B 50 0.67 4.40 -3.95
C VAL B 50 -0.24 5.60 -4.20
N ALA B 51 -1.54 5.42 -4.08
CA ALA B 51 -2.50 6.50 -4.40
C ALA B 51 -2.27 7.69 -3.46
N ASP B 52 -2.17 7.43 -2.18
CA ASP B 52 -1.96 8.50 -1.17
C ASP B 52 -0.65 9.22 -1.49
N LEU B 53 0.41 8.49 -1.76
CA LEU B 53 1.74 9.13 -1.93
C LEU B 53 1.73 10.07 -3.14
N THR B 54 1.08 9.66 -4.23
CA THR B 54 1.18 10.29 -5.55
C THR B 54 0.05 11.27 -5.78
N SER B 55 -0.92 11.37 -4.87
CA SER B 55 -2.12 12.23 -5.01
C SER B 55 -1.68 13.69 -5.23
N GLY B 56 -2.23 14.31 -6.25
CA GLY B 56 -1.96 15.72 -6.59
C GLY B 56 -0.72 15.90 -7.40
N SER B 57 0.05 14.85 -7.65
CA SER B 57 1.31 14.91 -8.43
C SER B 57 1.15 14.06 -9.69
N ASP B 58 0.97 12.75 -9.54
CA ASP B 58 0.83 11.86 -10.72
C ASP B 58 -0.62 11.71 -11.14
N TRP B 59 -1.54 11.83 -10.20
CA TRP B 59 -2.99 11.73 -10.47
C TRP B 59 -3.70 12.74 -9.60
N CYS B 60 -4.90 13.14 -10.00
CA CYS B 60 -5.64 14.23 -9.34
C CYS B 60 -7.09 13.80 -9.15
N GLY B 61 -7.70 14.34 -8.11
CA GLY B 61 -9.14 14.19 -7.80
C GLY B 61 -9.40 13.22 -6.67
N ALA B 62 -8.41 12.96 -5.81
CA ALA B 62 -8.56 12.07 -4.65
C ALA B 62 -9.86 12.37 -3.90
N GLY B 63 -10.19 13.62 -3.68
CA GLY B 63 -11.43 13.88 -2.88
C GLY B 63 -12.72 13.45 -3.56
N ALA B 64 -12.73 13.09 -4.84
CA ALA B 64 -13.98 12.79 -5.57
C ALA B 64 -13.96 11.37 -6.11
N VAL B 65 -13.15 10.48 -5.56
CA VAL B 65 -13.00 9.09 -6.05
C VAL B 65 -13.12 8.15 -4.86
N ALA B 66 -14.01 7.18 -4.94
CA ALA B 66 -14.21 6.15 -3.92
C ALA B 66 -13.10 5.11 -4.04
N PRO B 67 -12.66 4.49 -2.95
CA PRO B 67 -11.64 3.43 -3.03
C PRO B 67 -11.96 2.35 -4.04
N HIS B 68 -13.20 1.87 -4.12
CA HIS B 68 -13.59 0.75 -5.02
C HIS B 68 -13.25 1.15 -6.47
N GLU B 69 -13.41 2.44 -6.82
N GLU B 69 -13.45 2.43 -6.84
CA GLU B 69 -13.13 2.94 -8.19
CA GLU B 69 -13.16 2.95 -8.20
C GLU B 69 -11.64 2.80 -8.47
C GLU B 69 -11.66 2.80 -8.46
N LEU B 70 -10.78 3.05 -7.48
CA LEU B 70 -9.33 2.89 -7.67
C LEU B 70 -9.04 1.42 -7.99
N THR B 71 -9.57 0.50 -7.20
CA THR B 71 -9.33 -0.94 -7.44
C THR B 71 -9.79 -1.30 -8.84
N ASP B 72 -10.97 -0.81 -9.23
CA ASP B 72 -11.51 -1.18 -10.57
C ASP B 72 -10.57 -0.69 -11.66
N ARG B 73 -10.07 0.55 -11.58
CA ARG B 73 -9.21 1.07 -12.64
C ARG B 73 -7.90 0.27 -12.68
N ILE B 74 -7.32 -0.01 -11.50
CA ILE B 74 -6.04 -0.75 -11.41
CA ILE B 74 -6.03 -0.73 -11.45
C ILE B 74 -6.24 -2.16 -11.98
N TYR B 75 -7.33 -2.80 -11.64
CA TYR B 75 -7.58 -4.19 -12.09
C TYR B 75 -7.68 -4.19 -13.61
N THR B 76 -8.42 -3.25 -14.17
CA THR B 76 -8.56 -3.13 -15.64
C THR B 76 -7.17 -2.98 -16.24
N TYR B 77 -6.37 -2.06 -15.72
CA TYR B 77 -5.03 -1.81 -16.22
C TYR B 77 -4.15 -3.05 -16.12
N LEU B 78 -4.14 -3.74 -14.97
CA LEU B 78 -3.29 -4.94 -14.83
C LEU B 78 -3.72 -6.02 -15.83
N GLY B 79 -5.00 -6.08 -16.13
CA GLY B 79 -5.55 -7.03 -17.12
C GLY B 79 -5.03 -6.70 -18.50
N ASP B 80 -4.58 -5.47 -18.74
CA ASP B 80 -4.02 -4.99 -20.04
C ASP B 80 -2.55 -5.35 -20.18
N MET B 81 -1.87 -5.75 -19.11
CA MET B 81 -0.39 -5.85 -19.12
CA MET B 81 -0.39 -5.86 -19.11
C MET B 81 0.05 -7.25 -19.55
N PRO B 82 1.09 -7.35 -20.39
CA PRO B 82 1.63 -8.67 -20.70
C PRO B 82 2.46 -9.16 -19.49
N ALA B 83 2.74 -10.46 -19.52
CA ALA B 83 3.44 -11.18 -18.43
C ALA B 83 4.74 -10.47 -18.06
N GLU B 84 5.51 -9.94 -19.00
CA GLU B 84 6.82 -9.34 -18.65
C GLU B 84 6.61 -8.11 -17.78
N LYS B 85 5.62 -7.26 -18.08
CA LYS B 85 5.33 -6.06 -17.27
C LYS B 85 4.77 -6.54 -15.91
N LEU B 86 3.95 -7.59 -15.87
CA LEU B 86 3.31 -8.01 -14.58
C LEU B 86 4.37 -8.61 -13.66
N ASP B 87 5.54 -9.01 -14.18
CA ASP B 87 6.58 -9.53 -13.27
C ASP B 87 7.32 -8.40 -12.56
N GLU B 88 7.18 -7.18 -13.04
CA GLU B 88 7.86 -6.00 -12.45
C GLU B 88 7.06 -5.56 -11.21
N GLN B 89 7.62 -4.60 -10.52
CA GLN B 89 6.99 -4.08 -9.29
C GLN B 89 5.54 -3.63 -9.60
N ALA B 90 4.64 -3.95 -8.68
CA ALA B 90 3.23 -3.55 -8.83
C ALA B 90 3.05 -2.03 -8.70
N ALA B 91 3.81 -1.37 -7.82
CA ALA B 91 3.50 0.04 -7.47
C ALA B 91 3.60 0.95 -8.69
N THR B 92 4.61 0.76 -9.53
CA THR B 92 4.73 1.65 -10.72
CA THR B 92 4.79 1.58 -10.77
C THR B 92 3.55 1.39 -11.65
N LEU B 93 3.04 0.17 -11.72
CA LEU B 93 1.84 -0.09 -12.55
C LEU B 93 0.63 0.61 -11.96
N VAL B 94 0.48 0.65 -10.64
CA VAL B 94 -0.61 1.38 -9.97
C VAL B 94 -0.48 2.85 -10.34
N ARG B 95 0.72 3.40 -10.25
CA ARG B 95 0.92 4.83 -10.61
C ARG B 95 0.50 5.08 -12.07
N GLU B 96 0.92 4.19 -12.96
CA GLU B 96 0.54 4.33 -14.40
C GLU B 96 -0.97 4.29 -14.55
N ALA B 97 -1.64 3.37 -13.86
CA ALA B 97 -3.10 3.23 -13.95
C ALA B 97 -3.75 4.53 -13.47
N LEU B 98 -3.28 5.04 -12.34
CA LEU B 98 -3.90 6.26 -11.77
C LEU B 98 -3.68 7.43 -12.71
N LYS B 99 -2.50 7.50 -13.31
CA LYS B 99 -2.12 8.68 -14.14
C LYS B 99 -3.00 8.69 -15.39
N VAL B 100 -3.23 7.54 -16.03
CA VAL B 100 -4.05 7.52 -17.28
C VAL B 100 -5.52 7.68 -16.91
N SER B 101 -5.95 7.18 -15.75
CA SER B 101 -7.37 7.24 -15.34
C SER B 101 -7.76 8.65 -14.87
N PHE B 102 -6.90 9.30 -14.07
CA PHE B 102 -7.22 10.52 -13.31
C PHE B 102 -6.08 11.51 -13.48
N PRO B 103 -5.77 11.95 -14.70
CA PRO B 103 -4.63 12.83 -14.93
C PRO B 103 -4.80 14.18 -14.23
N CYS B 104 -3.65 14.75 -13.86
CA CYS B 104 -3.59 16.14 -13.35
C CYS B 104 -3.52 17.11 -14.54
N GLU B 105 -4.19 18.24 -14.48
CA GLU B 105 -4.03 19.27 -15.55
C GLU B 105 -2.56 19.70 -15.58
N GLN B 106 -1.89 19.55 -16.74
CA GLN B 106 -0.46 19.94 -16.97
C GLN B 106 -0.32 21.46 -16.85
#